data_3QXV
#
_entry.id   3QXV
#
_cell.length_a   43.669
_cell.length_b   57.605
_cell.length_c   131.136
_cell.angle_alpha   90.00
_cell.angle_beta   90.27
_cell.angle_gamma   90.00
#
_symmetry.space_group_name_H-M   'P 1 21 1'
#
loop_
_entity.id
_entity.type
_entity.pdbx_description
1 polymer 'Anti-Methotrexate CDR1-4 Graft VHH'
2 non-polymer METHOTREXATE
3 non-polymer 'SULFATE ION'
4 water water
#
_entity_poly.entity_id   1
_entity_poly.type   'polypeptide(L)'
_entity_poly.pdbx_seq_one_letter_code
;GSQVQLVESGGGLVQAGGSLRLSCAASRRSSRSWAMAWFRQAPGKEREFVAKISGDGRLTTYGDSVKGRFTISRDNAEYL
VYLQMDSLKPEDTAVYYCAADDNYVTASWRSGPDYWGQGTQVTVSS
;
_entity_poly.pdbx_strand_id   A,B,C,D,E
#
# COMPACT_ATOMS: atom_id res chain seq x y z
N VAL A 4 -24.70 -2.75 9.52
CA VAL A 4 -23.43 -2.28 10.14
C VAL A 4 -23.55 -0.97 10.89
N GLN A 5 -23.31 -1.03 12.19
CA GLN A 5 -23.44 0.12 13.05
C GLN A 5 -22.09 0.49 13.58
N LEU A 6 -21.74 1.75 13.41
CA LEU A 6 -20.63 2.36 14.11
C LEU A 6 -21.15 2.97 15.42
N VAL A 7 -20.46 2.66 16.53
CA VAL A 7 -20.83 3.17 17.87
C VAL A 7 -19.60 3.85 18.52
N GLU A 8 -19.76 5.15 18.75
CA GLU A 8 -18.79 5.98 19.37
C GLU A 8 -18.97 5.92 20.84
N SER A 9 -17.85 5.93 21.57
CA SER A 9 -17.86 6.06 23.02
C SER A 9 -16.93 7.10 23.59
N GLY A 10 -17.29 7.59 24.77
CA GLY A 10 -16.39 8.25 25.71
C GLY A 10 -16.67 9.74 25.84
N GLY A 11 -17.72 10.19 25.17
CA GLY A 11 -18.11 11.59 25.28
C GLY A 11 -18.58 11.95 26.69
N GLY A 12 -18.42 13.22 27.05
CA GLY A 12 -18.90 13.76 28.33
C GLY A 12 -18.36 15.18 28.58
N LEU A 13 -18.44 15.61 29.84
CA LEU A 13 -18.09 16.95 30.27
C LEU A 13 -16.65 17.02 30.79
N VAL A 14 -15.83 17.87 30.20
CA VAL A 14 -14.43 17.92 30.60
C VAL A 14 -13.95 19.38 30.71
N GLN A 15 -12.73 19.55 31.21
CA GLN A 15 -12.19 20.87 31.56
C GLN A 15 -11.15 21.26 30.52
N ALA A 16 -11.10 22.54 30.18
CA ALA A 16 -10.09 23.04 29.26
C ALA A 16 -8.73 22.75 29.82
N GLY A 17 -7.82 22.35 28.92
CA GLY A 17 -6.53 21.82 29.31
C GLY A 17 -6.56 20.34 29.69
N GLY A 18 -7.74 19.73 29.66
CA GLY A 18 -7.86 18.30 29.98
C GLY A 18 -7.54 17.35 28.83
N SER A 19 -7.78 16.07 29.11
CA SER A 19 -7.64 15.02 28.11
C SER A 19 -8.92 14.21 28.09
N LEU A 20 -9.24 13.61 26.96
CA LEU A 20 -10.41 12.68 26.84
C LEU A 20 -10.06 11.64 25.78
N ARG A 21 -10.50 10.41 25.97
CA ARG A 21 -10.33 9.39 24.97
C ARG A 21 -11.68 8.95 24.46
N LEU A 22 -11.87 9.02 23.14
CA LEU A 22 -13.06 8.46 22.50
C LEU A 22 -12.71 7.15 21.80
N SER A 23 -13.68 6.29 21.58
CA SER A 23 -13.42 5.07 20.87
C SER A 23 -14.52 4.75 19.89
N CYS A 24 -14.12 4.10 18.81
CA CYS A 24 -15.10 3.67 17.86
C CYS A 24 -15.13 2.15 17.74
N ALA A 25 -16.34 1.59 17.79
CA ALA A 25 -16.57 0.15 17.68
C ALA A 25 -17.55 -0.17 16.53
N ALA A 26 -17.60 -1.43 16.12
CA ALA A 26 -18.44 -1.80 14.99
C ALA A 26 -19.31 -2.99 15.39
N SER A 27 -20.53 -3.05 14.85
CA SER A 27 -21.42 -4.19 15.15
C SER A 27 -21.06 -5.50 14.43
N ARG A 28 -20.25 -5.41 13.37
CA ARG A 28 -19.77 -6.60 12.65
C ARG A 28 -18.33 -6.37 12.17
N ARG A 29 -17.60 -7.44 11.88
CA ARG A 29 -16.28 -7.32 11.28
C ARG A 29 -16.41 -7.47 9.79
N SER A 30 -15.50 -6.83 9.07
CA SER A 30 -15.46 -6.90 7.62
C SER A 30 -14.19 -7.63 7.19
N SER A 31 -14.25 -8.29 6.04
CA SER A 31 -13.09 -8.98 5.49
C SER A 31 -12.17 -8.04 4.69
N ARG A 32 -12.67 -6.83 4.42
CA ARG A 32 -11.89 -5.81 3.71
C ARG A 32 -11.25 -4.83 4.69
N SER A 33 -10.15 -4.24 4.26
CA SER A 33 -9.43 -3.25 5.04
C SER A 33 -10.06 -1.86 4.82
N TRP A 34 -10.52 -1.21 5.90
CA TRP A 34 -11.12 0.12 5.83
C TRP A 34 -10.24 1.24 6.39
N ALA A 35 -10.21 2.38 5.72
CA ALA A 35 -9.67 3.58 6.35
C ALA A 35 -10.71 4.12 7.33
N MET A 36 -10.24 4.63 8.47
CA MET A 36 -11.19 5.19 9.44
C MET A 36 -10.85 6.64 9.75
N ALA A 37 -11.88 7.38 10.16
CA ALA A 37 -11.87 8.81 10.46
C ALA A 37 -12.75 9.21 11.67
N TRP A 38 -12.41 10.35 12.28
CA TRP A 38 -13.35 11.07 13.16
C TRP A 38 -13.68 12.43 12.56
N PHE A 39 -14.92 12.86 12.77
CA PHE A 39 -15.39 14.14 12.33
C PHE A 39 -16.09 14.70 13.54
N ARG A 40 -16.30 16.02 13.56
CA ARG A 40 -17.06 16.67 14.64
C ARG A 40 -18.00 17.75 14.09
N GLN A 41 -19.06 18.04 14.85
CA GLN A 41 -20.03 19.02 14.39
C GLN A 41 -20.58 19.89 15.53
N ALA A 42 -20.17 21.16 15.50
CA ALA A 42 -20.63 22.14 16.48
C ALA A 42 -22.04 22.68 16.18
N PRO A 43 -22.69 23.31 17.18
CA PRO A 43 -24.11 23.66 17.17
C PRO A 43 -24.73 24.18 15.85
N GLY A 44 -23.98 24.91 15.05
CA GLY A 44 -24.58 25.57 13.89
C GLY A 44 -23.86 25.33 12.58
N LYS A 45 -22.82 24.49 12.63
CA LYS A 45 -21.82 24.43 11.57
C LYS A 45 -21.85 23.13 10.77
N GLU A 46 -20.96 23.03 9.78
CA GLU A 46 -20.76 21.78 9.06
C GLU A 46 -20.03 20.81 9.96
N ARG A 47 -20.34 19.53 9.76
CA ARG A 47 -19.49 18.46 10.17
C ARG A 47 -18.09 18.68 9.56
N GLU A 48 -17.07 18.67 10.40
CA GLU A 48 -15.74 19.13 10.03
C GLU A 48 -14.78 17.96 10.23
N PHE A 49 -13.76 17.84 9.37
CA PHE A 49 -12.79 16.77 9.46
C PHE A 49 -11.92 16.91 10.74
N VAL A 50 -11.64 15.79 11.41
CA VAL A 50 -10.78 15.82 12.58
C VAL A 50 -9.50 15.00 12.34
N ALA A 51 -9.64 13.69 12.15
CA ALA A 51 -8.49 12.80 11.93
C ALA A 51 -8.91 11.60 11.14
N LYS A 52 -7.95 11.10 10.36
CA LYS A 52 -8.08 9.85 9.64
C LYS A 52 -6.85 8.90 9.73
N ILE A 53 -7.07 7.63 9.47
CA ILE A 53 -6.03 6.59 9.64
C ILE A 53 -6.20 5.48 8.61
N SER A 54 -5.11 5.06 7.97
CA SER A 54 -5.19 3.98 6.97
C SER A 54 -5.50 2.62 7.59
N GLY A 55 -6.02 1.71 6.77
CA GLY A 55 -6.29 0.32 7.18
C GLY A 55 -5.31 -0.29 8.17
N ASP A 56 -4.02 -0.12 7.91
CA ASP A 56 -2.98 -0.79 8.66
C ASP A 56 -2.44 0.04 9.81
N GLY A 57 -3.03 1.23 10.02
CA GLY A 57 -2.60 2.15 11.06
C GLY A 57 -1.32 2.94 10.77
N ARG A 58 -0.78 2.80 9.56
CA ARG A 58 0.48 3.45 9.20
C ARG A 58 0.36 4.94 8.77
N LEU A 59 -0.75 5.32 8.13
CA LEU A 59 -0.87 6.69 7.69
C LEU A 59 -1.93 7.43 8.50
N THR A 60 -1.55 8.60 9.02
CA THR A 60 -2.52 9.47 9.65
C THR A 60 -2.44 10.87 9.07
N THR A 61 -3.56 11.56 9.08
CA THR A 61 -3.58 12.98 8.83
C THR A 61 -4.67 13.62 9.69
N TYR A 62 -4.37 14.86 10.09
CA TYR A 62 -5.18 15.60 11.06
C TYR A 62 -5.73 16.91 10.50
N GLY A 63 -6.91 17.31 10.96
CA GLY A 63 -7.44 18.65 10.64
C GLY A 63 -6.55 19.67 11.32
N ASP A 64 -6.38 20.83 10.69
CA ASP A 64 -5.37 21.80 11.10
C ASP A 64 -5.63 22.33 12.52
N SER A 65 -6.91 22.39 12.94
CA SER A 65 -7.29 22.92 14.25
C SER A 65 -6.98 22.00 15.45
N VAL A 66 -6.82 20.70 15.22
CA VAL A 66 -6.50 19.74 16.29
C VAL A 66 -5.03 19.25 16.19
N LYS A 67 -4.34 19.64 15.14
CA LYS A 67 -3.05 19.03 14.88
C LYS A 67 -2.09 19.25 16.07
N GLY A 68 -1.41 18.19 16.50
CA GLY A 68 -0.48 18.26 17.61
C GLY A 68 -1.19 18.04 18.94
N ARG A 69 -2.51 17.94 18.92
CA ARG A 69 -3.26 17.84 20.20
C ARG A 69 -4.04 16.53 20.35
N PHE A 70 -4.61 16.09 19.23
CA PHE A 70 -5.34 14.84 19.09
C PHE A 70 -4.43 13.79 18.45
N THR A 71 -4.56 12.53 18.87
CA THR A 71 -3.87 11.42 18.19
C THR A 71 -4.94 10.40 17.77
N ILE A 72 -4.90 10.00 16.52
CA ILE A 72 -5.82 8.92 16.08
C ILE A 72 -5.01 7.62 16.04
N SER A 73 -5.58 6.50 16.44
CA SER A 73 -4.84 5.24 16.28
C SER A 73 -5.88 4.17 16.25
N ARG A 74 -5.48 2.94 15.93
CA ARG A 74 -6.46 1.85 15.87
C ARG A 74 -5.94 0.51 16.43
N ASP A 75 -6.88 -0.31 16.88
CA ASP A 75 -6.57 -1.66 17.35
C ASP A 75 -7.39 -2.64 16.53
N ASN A 76 -6.72 -3.22 15.55
CA ASN A 76 -7.41 -4.08 14.61
C ASN A 76 -7.81 -5.44 15.20
N ALA A 77 -7.24 -5.80 16.36
CA ALA A 77 -7.56 -7.06 17.05
C ALA A 77 -8.90 -7.01 17.77
N GLU A 78 -9.11 -5.93 18.51
CA GLU A 78 -10.37 -5.66 19.18
C GLU A 78 -11.36 -4.93 18.27
N TYR A 79 -10.92 -4.56 17.06
CA TYR A 79 -11.72 -3.76 16.14
C TYR A 79 -12.11 -2.37 16.75
N LEU A 80 -11.15 -1.65 17.30
CA LEU A 80 -11.48 -0.33 17.81
C LEU A 80 -10.65 0.77 17.17
N VAL A 81 -11.26 1.95 17.09
CA VAL A 81 -10.56 3.13 16.65
C VAL A 81 -10.57 4.09 17.83
N TYR A 82 -9.42 4.71 18.08
CA TYR A 82 -9.33 5.62 19.20
C TYR A 82 -8.98 7.04 18.77
N LEU A 83 -9.46 8.00 19.56
CA LEU A 83 -9.12 9.39 19.41
C LEU A 83 -8.66 9.93 20.76
N GLN A 84 -7.35 10.09 20.92
CA GLN A 84 -6.84 10.72 22.17
C GLN A 84 -6.92 12.24 21.97
N MET A 85 -7.59 12.92 22.88
CA MET A 85 -7.78 14.35 22.79
C MET A 85 -7.10 15.05 23.97
N ASP A 86 -5.93 15.64 23.74
CA ASP A 86 -5.17 16.34 24.76
C ASP A 86 -5.42 17.86 24.68
N SER A 87 -4.94 18.59 25.67
CA SER A 87 -5.02 20.06 25.68
C SER A 87 -6.31 20.61 25.08
N LEU A 88 -7.45 20.22 25.65
CA LEU A 88 -8.74 20.58 25.08
C LEU A 88 -9.03 22.05 25.29
N LYS A 89 -9.80 22.63 24.38
CA LYS A 89 -10.21 24.02 24.44
C LYS A 89 -11.73 23.99 24.37
N PRO A 90 -12.40 25.07 24.84
CA PRO A 90 -13.87 25.25 24.70
C PRO A 90 -14.35 25.01 23.29
N GLU A 91 -13.65 25.53 22.30
CA GLU A 91 -13.87 25.10 20.94
C GLU A 91 -13.43 23.66 21.01
N ASP A 92 -13.72 22.83 20.06
CA ASP A 92 -13.60 21.38 20.42
C ASP A 92 -14.92 20.87 20.96
N THR A 93 -15.74 21.72 21.57
CA THR A 93 -17.08 21.26 21.99
C THR A 93 -17.87 20.93 20.76
N ALA A 94 -18.38 19.69 20.68
CA ALA A 94 -19.04 19.20 19.46
C ALA A 94 -19.51 17.75 19.61
N VAL A 95 -20.45 17.37 18.75
CA VAL A 95 -20.73 15.96 18.50
C VAL A 95 -19.62 15.36 17.60
N TYR A 96 -18.92 14.34 18.11
CA TYR A 96 -17.88 13.63 17.37
C TYR A 96 -18.38 12.37 16.76
N TYR A 97 -18.02 12.12 15.50
CA TYR A 97 -18.58 10.99 14.76
C TYR A 97 -17.45 10.18 14.23
N CYS A 98 -17.57 8.86 14.30
CA CYS A 98 -16.53 8.02 13.72
C CYS A 98 -17.14 7.51 12.39
N ALA A 99 -16.29 7.24 11.40
CA ALA A 99 -16.72 6.85 10.08
C ALA A 99 -15.70 5.96 9.43
N ALA A 100 -16.18 5.22 8.45
CA ALA A 100 -15.37 4.30 7.66
C ALA A 100 -15.44 4.60 6.17
N ASP A 101 -14.35 4.35 5.47
CA ASP A 101 -14.22 4.67 4.05
C ASP A 101 -13.35 3.60 3.43
N ASP A 102 -13.65 3.26 2.18
CA ASP A 102 -13.02 2.12 1.51
C ASP A 102 -11.59 2.47 1.08
N ASN A 103 -11.29 3.76 1.09
CA ASN A 103 -9.93 4.20 0.82
C ASN A 103 -9.61 5.40 1.69
N TYR A 104 -8.33 5.73 1.77
CA TYR A 104 -7.83 6.67 2.75
C TYR A 104 -7.85 8.11 2.20
N VAL A 105 -7.98 8.23 0.88
CA VAL A 105 -7.89 9.53 0.23
C VAL A 105 -9.21 10.27 0.54
N THR A 106 -10.32 9.61 0.33
CA THR A 106 -11.62 10.26 0.47
C THR A 106 -12.13 10.31 1.89
N ALA A 107 -11.45 9.63 2.80
CA ALA A 107 -11.90 9.45 4.16
C ALA A 107 -12.00 10.77 4.92
N SER A 108 -11.30 11.79 4.48
CA SER A 108 -11.31 13.08 5.16
C SER A 108 -12.28 14.06 4.52
N TRP A 109 -13.02 13.59 3.52
CA TRP A 109 -13.91 14.41 2.74
C TRP A 109 -15.32 14.11 3.17
N ARG A 110 -16.09 15.15 3.44
CA ARG A 110 -17.41 14.93 4.00
C ARG A 110 -18.17 13.83 3.24
N SER A 111 -18.05 13.76 1.91
CA SER A 111 -18.85 12.82 1.13
C SER A 111 -18.14 11.49 0.94
N GLY A 112 -16.88 11.40 1.41
CA GLY A 112 -16.11 10.15 1.29
C GLY A 112 -16.64 8.92 2.02
N PRO A 113 -16.77 8.99 3.31
CA PRO A 113 -17.06 7.81 4.08
C PRO A 113 -18.37 7.11 3.72
N ASP A 114 -18.29 5.81 3.63
CA ASP A 114 -19.42 4.96 3.33
C ASP A 114 -20.31 4.64 4.56
N TYR A 115 -19.80 4.87 5.78
CA TYR A 115 -20.45 4.54 7.06
C TYR A 115 -20.22 5.59 8.15
N TRP A 116 -21.28 5.82 8.93
CA TRP A 116 -21.25 6.86 9.97
C TRP A 116 -21.81 6.40 11.29
N GLY A 117 -21.15 6.79 12.39
CA GLY A 117 -21.76 6.52 13.72
C GLY A 117 -22.98 7.37 14.03
N GLN A 118 -23.63 7.16 15.15
CA GLN A 118 -24.64 8.12 15.58
C GLN A 118 -24.10 9.34 16.37
N GLY A 119 -22.81 9.34 16.72
CA GLY A 119 -22.18 10.48 17.42
C GLY A 119 -22.16 10.55 18.95
N THR A 120 -21.04 11.00 19.53
CA THR A 120 -20.95 11.20 21.00
C THR A 120 -20.63 12.67 21.36
N GLN A 121 -21.42 13.25 22.27
CA GLN A 121 -21.28 14.64 22.76
C GLN A 121 -20.06 14.84 23.63
N VAL A 122 -19.16 15.71 23.20
CA VAL A 122 -18.08 16.24 24.03
C VAL A 122 -18.26 17.71 24.39
N THR A 123 -18.33 18.04 25.70
CA THR A 123 -18.43 19.43 26.15
C THR A 123 -17.22 19.82 26.99
N VAL A 124 -16.55 20.90 26.56
CA VAL A 124 -15.39 21.45 27.25
C VAL A 124 -15.85 22.79 27.82
N SER A 125 -15.91 22.88 29.16
CA SER A 125 -15.99 24.16 29.84
C SER A 125 -14.60 24.80 29.92
N SER A 126 -14.53 26.05 30.32
CA SER A 126 -13.24 26.70 30.59
C SER A 126 -12.57 26.11 31.84
N VAL B 4 4.94 24.23 -9.88
CA VAL B 4 3.61 24.01 -9.27
C VAL B 4 2.63 23.56 -10.33
N GLN B 5 2.17 22.30 -10.22
CA GLN B 5 1.28 21.75 -11.22
C GLN B 5 -0.03 21.31 -10.59
N LEU B 6 -1.14 21.59 -11.27
CA LEU B 6 -2.47 21.05 -10.93
C LEU B 6 -2.80 19.91 -11.85
N VAL B 7 -3.48 18.89 -11.34
CA VAL B 7 -3.80 17.71 -12.12
C VAL B 7 -5.24 17.25 -11.82
N GLU B 8 -6.01 17.04 -12.87
CA GLU B 8 -7.40 16.59 -12.78
C GLU B 8 -7.48 15.07 -12.94
N SER B 9 -8.37 14.42 -12.17
CA SER B 9 -8.61 12.99 -12.28
C SER B 9 -10.10 12.70 -12.17
N GLY B 10 -10.56 11.59 -12.72
CA GLY B 10 -11.95 11.13 -12.50
C GLY B 10 -12.76 11.15 -13.78
N GLY B 11 -12.11 11.56 -14.87
CA GLY B 11 -12.72 11.67 -16.20
C GLY B 11 -13.02 10.37 -16.93
N GLY B 12 -13.99 10.40 -17.86
CA GLY B 12 -14.26 9.28 -18.80
C GLY B 12 -15.66 9.24 -19.36
N LEU B 13 -16.07 8.07 -19.84
CA LEU B 13 -17.25 7.94 -20.66
C LEU B 13 -18.41 7.58 -19.74
N VAL B 14 -19.47 8.39 -19.74
CA VAL B 14 -20.64 8.08 -18.87
C VAL B 14 -21.89 8.13 -19.68
N GLN B 15 -23.01 7.64 -19.13
CA GLN B 15 -24.23 7.78 -19.85
C GLN B 15 -25.11 8.90 -19.34
N ALA B 16 -25.65 9.64 -20.29
CA ALA B 16 -26.68 10.62 -19.97
C ALA B 16 -27.54 10.00 -18.87
N GLY B 17 -27.99 10.82 -17.91
CA GLY B 17 -28.49 10.30 -16.65
C GLY B 17 -27.52 10.05 -15.50
N GLY B 18 -26.24 9.79 -15.78
CA GLY B 18 -25.44 9.20 -14.73
C GLY B 18 -24.84 10.27 -13.82
N SER B 19 -23.65 9.97 -13.27
CA SER B 19 -22.98 10.80 -12.27
C SER B 19 -21.48 10.56 -12.39
N LEU B 20 -20.69 11.55 -12.02
CA LEU B 20 -19.22 11.37 -12.10
C LEU B 20 -18.59 12.36 -11.11
N ARG B 21 -17.55 11.90 -10.44
CA ARG B 21 -16.90 12.75 -9.49
C ARG B 21 -15.50 13.01 -10.04
N LEU B 22 -15.13 14.27 -10.28
CA LEU B 22 -13.73 14.61 -10.65
C LEU B 22 -13.13 15.19 -9.38
N SER B 23 -11.82 15.11 -9.34
CA SER B 23 -11.02 15.79 -8.35
C SER B 23 -9.80 16.46 -8.92
N CYS B 24 -9.20 17.37 -8.14
CA CYS B 24 -8.05 18.13 -8.52
C CYS B 24 -7.01 18.11 -7.43
N ALA B 25 -5.78 17.68 -7.79
CA ALA B 25 -4.67 17.63 -6.83
C ALA B 25 -3.61 18.61 -7.25
N ALA B 26 -2.66 18.91 -6.35
CA ALA B 26 -1.47 19.71 -6.65
C ALA B 26 -0.14 18.99 -6.35
N SER B 27 0.90 19.36 -7.10
CA SER B 27 2.23 18.77 -6.94
C SER B 27 2.94 19.31 -5.70
N ARG B 28 2.43 20.41 -5.16
CA ARG B 28 2.96 21.02 -3.93
C ARG B 28 1.83 21.71 -3.19
N ARG B 29 2.04 21.88 -1.89
CA ARG B 29 1.18 22.64 -1.00
C ARG B 29 1.69 24.09 -0.83
N SER B 30 0.80 25.06 -1.04
CA SER B 30 1.05 26.46 -0.76
C SER B 30 0.81 26.78 0.73
N SER B 31 1.60 27.68 1.28
CA SER B 31 1.32 28.20 2.61
C SER B 31 0.15 29.20 2.63
N ARG B 32 -0.27 29.69 1.46
CA ARG B 32 -1.37 30.64 1.41
C ARG B 32 -2.70 30.04 0.91
N SER B 33 -3.77 30.78 1.11
CA SER B 33 -5.13 30.30 0.90
C SER B 33 -5.58 30.62 -0.54
N TRP B 34 -5.86 29.60 -1.32
CA TRP B 34 -6.23 29.78 -2.72
C TRP B 34 -7.72 29.50 -2.97
N ALA B 35 -8.40 30.39 -3.67
CA ALA B 35 -9.66 30.03 -4.28
C ALA B 35 -9.46 29.01 -5.40
N MET B 36 -10.40 28.06 -5.52
CA MET B 36 -10.35 27.03 -6.52
C MET B 36 -11.57 26.94 -7.41
N ALA B 37 -11.31 26.62 -8.68
CA ALA B 37 -12.41 26.59 -9.66
C ALA B 37 -12.34 25.45 -10.65
N TRP B 38 -13.51 25.06 -11.13
CA TRP B 38 -13.58 24.26 -12.34
C TRP B 38 -14.15 25.06 -13.51
N PHE B 39 -13.57 24.83 -14.69
CA PHE B 39 -14.06 25.37 -15.95
C PHE B 39 -14.17 24.15 -16.90
N ARG B 40 -14.70 24.35 -18.09
CA ARG B 40 -14.86 23.25 -19.01
C ARG B 40 -14.84 23.75 -20.42
N GLN B 41 -14.47 22.87 -21.34
CA GLN B 41 -14.50 23.28 -22.72
C GLN B 41 -15.12 22.24 -23.62
N ALA B 42 -16.31 22.55 -24.09
CA ALA B 42 -17.13 21.63 -24.85
C ALA B 42 -16.83 21.89 -26.32
N PRO B 43 -17.11 20.93 -27.21
CA PRO B 43 -16.55 21.07 -28.56
C PRO B 43 -17.04 22.35 -29.27
N GLY B 44 -16.10 23.13 -29.80
CA GLY B 44 -16.44 24.33 -30.57
C GLY B 44 -17.09 25.44 -29.76
N LYS B 45 -16.81 25.48 -28.45
CA LYS B 45 -16.97 26.68 -27.64
C LYS B 45 -15.66 26.97 -26.91
N GLU B 46 -15.58 28.11 -26.21
CA GLU B 46 -14.44 28.26 -25.32
C GLU B 46 -14.68 27.71 -23.95
N ARG B 47 -13.55 27.61 -23.24
CA ARG B 47 -13.47 27.48 -21.83
C ARG B 47 -14.54 28.35 -21.18
N GLU B 48 -15.32 27.75 -20.31
CA GLU B 48 -16.48 28.40 -19.75
C GLU B 48 -16.50 28.07 -18.25
N PHE B 49 -17.05 28.98 -17.45
CA PHE B 49 -17.12 28.80 -16.02
C PHE B 49 -18.06 27.68 -15.60
N VAL B 50 -17.63 26.89 -14.62
CA VAL B 50 -18.48 25.82 -14.12
C VAL B 50 -18.78 26.04 -12.66
N ALA B 51 -17.74 26.24 -11.85
CA ALA B 51 -17.90 26.36 -10.41
C ALA B 51 -16.66 26.84 -9.67
N LYS B 52 -16.91 27.53 -8.57
CA LYS B 52 -15.84 28.02 -7.71
C LYS B 52 -16.12 28.02 -6.22
N ILE B 53 -15.02 27.97 -5.49
CA ILE B 53 -15.01 27.80 -4.05
C ILE B 53 -13.86 28.61 -3.41
N SER B 54 -14.24 29.34 -2.38
CA SER B 54 -13.24 30.05 -1.57
C SER B 54 -12.23 29.15 -0.81
N GLY B 55 -11.13 29.75 -0.38
CA GLY B 55 -10.03 28.98 0.25
C GLY B 55 -10.44 28.14 1.44
N ASP B 56 -11.50 28.57 2.14
CA ASP B 56 -11.96 27.97 3.38
C ASP B 56 -13.31 27.26 3.20
N GLY B 57 -13.73 27.10 1.96
CA GLY B 57 -14.86 26.22 1.69
C GLY B 57 -16.24 26.83 1.87
N ARG B 58 -16.30 28.06 2.38
CA ARG B 58 -17.55 28.67 2.80
C ARG B 58 -18.38 29.35 1.69
N LEU B 59 -17.69 29.91 0.69
CA LEU B 59 -18.38 30.52 -0.46
C LEU B 59 -18.23 29.61 -1.68
N THR B 60 -19.37 29.33 -2.31
CA THR B 60 -19.39 28.64 -3.60
C THR B 60 -20.30 29.40 -4.56
N THR B 61 -20.02 29.27 -5.85
CA THR B 61 -20.87 29.80 -6.90
C THR B 61 -20.73 29.00 -8.17
N TYR B 62 -21.80 29.02 -8.96
CA TYR B 62 -21.96 28.09 -10.06
C TYR B 62 -22.46 28.78 -11.33
N GLY B 63 -22.05 28.26 -12.49
CA GLY B 63 -22.60 28.69 -13.78
C GLY B 63 -24.08 28.33 -13.81
N ASP B 64 -24.88 29.17 -14.46
CA ASP B 64 -26.27 28.87 -14.71
C ASP B 64 -26.63 27.47 -15.25
N SER B 65 -25.76 26.92 -16.10
CA SER B 65 -26.07 25.66 -16.82
C SER B 65 -25.93 24.37 -15.99
N VAL B 66 -25.28 24.44 -14.82
CA VAL B 66 -25.06 23.28 -13.92
C VAL B 66 -25.62 23.47 -12.51
N LYS B 67 -26.12 24.67 -12.24
CA LYS B 67 -26.81 24.93 -10.99
C LYS B 67 -27.81 23.81 -10.68
N GLY B 68 -27.65 23.16 -9.53
CA GLY B 68 -28.68 22.27 -8.99
C GLY B 68 -28.42 20.83 -9.34
N ARG B 69 -27.29 20.59 -10.03
CA ARG B 69 -26.86 19.28 -10.52
C ARG B 69 -25.37 18.97 -10.13
N PHE B 70 -24.54 19.99 -10.12
CA PHE B 70 -23.07 19.82 -9.88
C PHE B 70 -22.81 20.41 -8.50
N THR B 71 -21.88 19.82 -7.74
CA THR B 71 -21.42 20.37 -6.44
C THR B 71 -19.86 20.52 -6.40
N ILE B 72 -19.34 21.70 -6.04
CA ILE B 72 -17.86 21.84 -5.86
C ILE B 72 -17.62 21.72 -4.36
N SER B 73 -16.57 21.00 -3.96
CA SER B 73 -16.20 20.99 -2.53
C SER B 73 -14.72 20.83 -2.41
N ARG B 74 -14.23 20.98 -1.19
CA ARG B 74 -12.81 20.84 -0.94
C ARG B 74 -12.50 20.18 0.37
N ASP B 75 -11.36 19.50 0.37
CA ASP B 75 -10.78 18.89 1.53
C ASP B 75 -9.35 19.43 1.59
N ASN B 76 -9.12 20.38 2.48
CA ASN B 76 -7.81 21.00 2.62
C ASN B 76 -6.79 20.11 3.30
N ALA B 77 -7.25 19.08 4.01
CA ALA B 77 -6.30 18.16 4.64
C ALA B 77 -5.66 17.21 3.61
N GLU B 78 -6.47 16.67 2.70
CA GLU B 78 -5.95 15.83 1.66
C GLU B 78 -5.40 16.70 0.48
N TYR B 79 -5.86 17.95 0.41
CA TYR B 79 -5.44 18.87 -0.65
C TYR B 79 -6.03 18.46 -2.01
N LEU B 80 -7.32 18.18 -1.99
CA LEU B 80 -8.15 17.94 -3.17
C LEU B 80 -9.33 18.90 -3.20
N VAL B 81 -9.67 19.31 -4.43
CA VAL B 81 -10.96 19.93 -4.76
C VAL B 81 -11.73 18.93 -5.60
N TYR B 82 -13.01 18.82 -5.32
CA TYR B 82 -13.88 17.87 -5.98
C TYR B 82 -15.00 18.57 -6.72
N LEU B 83 -15.45 17.93 -7.81
CA LEU B 83 -16.66 18.30 -8.47
C LEU B 83 -17.49 17.08 -8.62
N GLN B 84 -18.69 17.17 -8.05
CA GLN B 84 -19.68 16.12 -8.13
C GLN B 84 -20.75 16.44 -9.19
N MET B 85 -20.85 15.64 -10.26
CA MET B 85 -21.69 15.95 -11.39
C MET B 85 -22.77 14.87 -11.50
N ASP B 86 -23.97 15.23 -11.12
CA ASP B 86 -25.18 14.39 -11.26
C ASP B 86 -26.01 14.79 -12.51
N SER B 87 -27.17 14.11 -12.69
CA SER B 87 -27.98 14.17 -13.91
C SER B 87 -27.17 14.64 -15.17
N LEU B 88 -26.15 13.88 -15.56
CA LEU B 88 -25.21 14.36 -16.60
C LEU B 88 -25.93 14.42 -17.98
N LYS B 89 -25.53 15.38 -18.80
CA LYS B 89 -26.14 15.59 -20.12
C LYS B 89 -25.11 15.52 -21.21
N PRO B 90 -25.54 15.22 -22.45
CA PRO B 90 -24.54 15.20 -23.55
C PRO B 90 -23.90 16.57 -23.71
N GLU B 91 -24.69 17.61 -23.49
CA GLU B 91 -24.11 18.94 -23.49
C GLU B 91 -23.13 19.23 -22.32
N ASP B 92 -22.94 18.30 -21.39
CA ASP B 92 -21.80 18.44 -20.44
C ASP B 92 -20.49 17.88 -20.95
N THR B 93 -20.52 17.19 -22.09
CA THR B 93 -19.33 16.64 -22.72
C THR B 93 -18.33 17.77 -22.92
N ALA B 94 -17.14 17.61 -22.37
CA ALA B 94 -16.15 18.68 -22.43
C ALA B 94 -14.84 18.22 -21.79
N VAL B 95 -13.75 18.91 -22.10
CA VAL B 95 -12.57 18.91 -21.23
C VAL B 95 -12.73 19.81 -20.01
N TYR B 96 -12.68 19.24 -18.79
CA TYR B 96 -12.94 19.99 -17.51
C TYR B 96 -11.62 20.42 -16.89
N TYR B 97 -11.39 21.71 -16.61
CA TYR B 97 -10.08 22.12 -16.05
C TYR B 97 -10.25 22.62 -14.65
N CYS B 98 -9.29 22.26 -13.84
CA CYS B 98 -9.10 22.78 -12.53
C CYS B 98 -8.28 24.08 -12.59
N ALA B 99 -8.69 25.05 -11.81
CA ALA B 99 -7.90 26.31 -11.69
C ALA B 99 -7.75 26.87 -10.25
N ALA B 100 -6.73 27.67 -10.06
CA ALA B 100 -6.44 28.30 -8.80
C ALA B 100 -6.19 29.78 -9.02
N ASP B 101 -6.86 30.58 -8.18
CA ASP B 101 -6.80 32.03 -8.14
C ASP B 101 -6.57 32.55 -6.70
N ASP B 102 -5.75 33.58 -6.55
CA ASP B 102 -5.56 34.19 -5.25
C ASP B 102 -6.78 35.04 -4.83
N ASN B 103 -7.72 35.23 -5.76
CA ASN B 103 -8.84 36.14 -5.59
C ASN B 103 -10.10 35.40 -5.98
N TYR B 104 -11.00 35.22 -5.03
CA TYR B 104 -12.25 34.47 -5.22
C TYR B 104 -13.07 35.10 -6.35
N VAL B 105 -13.17 36.42 -6.32
CA VAL B 105 -14.04 37.15 -7.24
C VAL B 105 -13.63 36.87 -8.69
N THR B 106 -12.34 36.90 -8.95
CA THR B 106 -11.88 36.67 -10.32
C THR B 106 -11.86 35.21 -10.68
N ALA B 107 -11.92 34.30 -9.72
CA ALA B 107 -11.85 32.88 -10.04
C ALA B 107 -12.84 32.39 -11.11
N SER B 108 -13.99 33.07 -11.27
CA SER B 108 -15.00 32.71 -12.28
C SER B 108 -14.74 33.41 -13.63
N TRP B 109 -13.64 34.17 -13.71
CA TRP B 109 -13.27 34.90 -14.92
C TRP B 109 -12.16 34.18 -15.67
N ARG B 110 -12.32 34.01 -16.98
CA ARG B 110 -11.36 33.25 -17.76
C ARG B 110 -9.88 33.70 -17.51
N SER B 111 -9.62 35.00 -17.44
CA SER B 111 -8.25 35.53 -17.20
C SER B 111 -7.85 35.64 -15.74
N GLY B 112 -8.74 35.31 -14.84
CA GLY B 112 -8.44 35.37 -13.43
C GLY B 112 -7.37 34.44 -12.92
N PRO B 113 -7.57 33.15 -13.03
CA PRO B 113 -6.70 32.19 -12.40
C PRO B 113 -5.24 32.25 -12.77
N ASP B 114 -4.41 31.86 -11.82
CA ASP B 114 -2.98 31.88 -11.94
C ASP B 114 -2.38 30.55 -12.32
N TYR B 115 -3.02 29.47 -11.91
CA TYR B 115 -2.60 28.13 -12.32
C TYR B 115 -3.79 27.37 -12.88
N TRP B 116 -3.53 26.64 -13.95
CA TRP B 116 -4.50 25.73 -14.63
C TRP B 116 -3.90 24.36 -14.73
N GLY B 117 -4.77 23.36 -14.52
CA GLY B 117 -4.43 21.97 -14.82
C GLY B 117 -4.45 21.76 -16.32
N GLN B 118 -4.15 20.54 -16.78
CA GLN B 118 -4.19 20.26 -18.19
C GLN B 118 -5.50 19.75 -18.66
N GLY B 119 -6.47 19.57 -17.75
CA GLY B 119 -7.75 19.05 -18.19
C GLY B 119 -7.93 17.55 -18.07
N THR B 120 -9.16 17.11 -17.80
CA THR B 120 -9.51 15.71 -17.96
C THR B 120 -10.82 15.63 -18.79
N GLN B 121 -10.95 14.56 -19.57
CA GLN B 121 -11.83 14.54 -20.72
C GLN B 121 -13.12 13.93 -20.14
N VAL B 122 -14.23 14.59 -20.34
CA VAL B 122 -15.51 13.99 -19.85
C VAL B 122 -16.43 13.81 -21.03
N THR B 123 -16.92 12.59 -21.28
CA THR B 123 -17.88 12.36 -22.39
C THR B 123 -19.18 11.73 -21.95
N VAL B 124 -20.28 12.31 -22.39
CA VAL B 124 -21.59 11.85 -21.96
C VAL B 124 -22.44 11.42 -23.17
N SER B 125 -22.60 10.11 -23.35
CA SER B 125 -23.26 9.59 -24.54
C SER B 125 -24.75 9.44 -24.33
N SER B 126 -25.50 9.94 -25.29
CA SER B 126 -26.95 9.90 -25.21
C SER B 126 -27.49 8.52 -25.61
N VAL C 4 19.74 9.93 -16.52
CA VAL C 4 18.43 9.38 -17.08
C VAL C 4 17.29 9.16 -16.08
N GLN C 5 16.09 9.65 -16.43
CA GLN C 5 14.97 9.64 -15.50
C GLN C 5 13.64 9.32 -16.22
N LEU C 6 12.97 8.24 -15.81
CA LEU C 6 11.64 7.97 -16.25
C LEU C 6 10.68 8.75 -15.34
N VAL C 7 9.71 9.45 -15.91
CA VAL C 7 8.71 10.17 -15.12
C VAL C 7 7.33 9.74 -15.51
N GLU C 8 6.58 9.27 -14.53
CA GLU C 8 5.23 8.80 -14.73
C GLU C 8 4.26 9.97 -14.57
N SER C 9 3.10 9.91 -15.25
CA SER C 9 2.10 10.94 -15.13
C SER C 9 0.77 10.25 -15.19
N GLY C 10 -0.25 10.87 -14.59
CA GLY C 10 -1.66 10.50 -14.78
C GLY C 10 -2.37 9.89 -13.58
N GLY C 11 -1.67 9.83 -12.44
CA GLY C 11 -2.17 9.13 -11.27
C GLY C 11 -3.13 10.07 -10.56
N GLY C 12 -4.07 9.52 -9.80
CA GLY C 12 -4.94 10.31 -8.92
C GLY C 12 -6.11 9.44 -8.51
N LEU C 13 -7.19 10.06 -8.07
CA LEU C 13 -8.35 9.37 -7.58
C LEU C 13 -9.25 9.03 -8.76
N VAL C 14 -9.67 7.77 -8.87
CA VAL C 14 -10.80 7.41 -9.73
C VAL C 14 -11.83 6.53 -9.02
N GLN C 15 -12.95 6.34 -9.71
CA GLN C 15 -14.07 5.49 -9.26
C GLN C 15 -14.01 4.06 -9.85
N ALA C 16 -14.51 3.10 -9.08
CA ALA C 16 -14.64 1.74 -9.58
C ALA C 16 -15.48 1.73 -10.85
N GLY C 17 -14.97 1.00 -11.82
CA GLY C 17 -15.64 0.82 -13.11
C GLY C 17 -15.10 1.83 -14.10
N GLY C 18 -14.23 2.71 -13.63
CA GLY C 18 -13.83 3.87 -14.45
C GLY C 18 -12.57 3.53 -15.20
N SER C 19 -12.04 4.49 -15.93
CA SER C 19 -10.86 4.31 -16.76
C SER C 19 -9.83 5.33 -16.31
N LEU C 20 -8.57 4.99 -16.51
CA LEU C 20 -7.52 5.94 -16.29
C LEU C 20 -6.39 5.63 -17.25
N ARG C 21 -5.68 6.67 -17.68
CA ARG C 21 -4.55 6.53 -18.57
C ARG C 21 -3.32 7.09 -17.91
N LEU C 22 -2.28 6.26 -17.78
CA LEU C 22 -0.97 6.68 -17.28
C LEU C 22 -0.03 6.80 -18.46
N SER C 23 0.98 7.65 -18.34
CA SER C 23 2.06 7.65 -19.31
C SER C 23 3.40 7.79 -18.65
N CYS C 24 4.45 7.56 -19.44
CA CYS C 24 5.81 7.50 -18.96
C CYS C 24 6.68 8.25 -19.94
N ALA C 25 7.20 9.39 -19.53
CA ALA C 25 8.24 10.15 -20.29
C ALA C 25 9.60 9.83 -19.78
N ALA C 26 10.65 10.20 -20.58
CA ALA C 26 12.10 10.16 -20.30
C ALA C 26 12.77 11.56 -20.53
N SER C 27 13.60 12.00 -19.58
CA SER C 27 14.27 13.29 -19.73
C SER C 27 15.14 13.21 -20.98
N ARG C 28 15.62 12.00 -21.29
CA ARG C 28 16.69 11.81 -22.28
C ARG C 28 16.29 10.76 -23.35
N ARG C 29 16.89 10.90 -24.53
CA ARG C 29 16.63 10.01 -25.65
C ARG C 29 17.83 9.11 -25.94
N SER C 30 17.53 7.86 -26.26
CA SER C 30 18.54 6.83 -26.47
C SER C 30 18.59 6.44 -27.94
N SER C 31 19.80 6.19 -28.45
CA SER C 31 19.97 5.57 -29.77
C SER C 31 19.42 4.14 -29.74
N ARG C 32 19.64 3.45 -28.63
CA ARG C 32 19.20 2.08 -28.51
C ARG C 32 17.66 2.00 -28.40
N SER C 33 17.13 0.78 -28.47
CA SER C 33 15.71 0.53 -28.44
C SER C 33 15.43 -0.13 -27.11
N TRP C 34 14.38 0.27 -26.41
CA TRP C 34 14.20 -0.15 -25.03
C TRP C 34 12.87 -0.79 -24.88
N ALA C 35 12.86 -2.00 -24.33
CA ALA C 35 11.58 -2.55 -23.92
C ALA C 35 11.23 -1.74 -22.71
N MET C 36 9.94 -1.54 -22.51
CA MET C 36 9.39 -0.77 -21.42
C MET C 36 8.32 -1.57 -20.72
N ALA C 37 8.17 -1.29 -19.42
CA ALA C 37 7.30 -2.08 -18.59
C ALA C 37 6.66 -1.20 -17.54
N TRP C 38 5.46 -1.57 -17.15
CA TRP C 38 4.81 -1.07 -15.90
C TRP C 38 4.87 -2.14 -14.81
N PHE C 39 5.11 -1.74 -13.56
CA PHE C 39 4.98 -2.62 -12.39
C PHE C 39 4.08 -1.82 -11.44
N ARG C 40 3.75 -2.37 -10.28
CA ARG C 40 2.91 -1.66 -9.33
C ARG C 40 3.10 -2.25 -7.93
N GLN C 41 2.97 -1.40 -6.91
CA GLN C 41 3.22 -1.76 -5.51
C GLN C 41 2.10 -1.23 -4.63
N ALA C 42 1.27 -2.14 -4.11
CA ALA C 42 0.39 -1.87 -2.98
C ALA C 42 1.21 -1.78 -1.71
N PRO C 43 0.69 -1.02 -0.72
CA PRO C 43 1.57 -0.70 0.40
C PRO C 43 1.83 -1.97 1.23
N GLY C 44 3.08 -2.11 1.69
CA GLY C 44 3.51 -3.35 2.33
C GLY C 44 3.31 -4.64 1.53
N LYS C 45 3.07 -4.54 0.22
CA LYS C 45 3.18 -5.71 -0.67
C LYS C 45 4.40 -5.61 -1.58
N GLU C 46 4.59 -6.63 -2.41
CA GLU C 46 5.71 -6.64 -3.35
C GLU C 46 5.34 -5.85 -4.62
N ARG C 47 6.34 -5.22 -5.21
CA ARG C 47 6.24 -4.69 -6.56
C ARG C 47 5.97 -5.82 -7.57
N GLU C 48 4.83 -5.77 -8.26
CA GLU C 48 4.41 -6.85 -9.14
C GLU C 48 4.32 -6.36 -10.60
N PHE C 49 4.74 -7.22 -11.52
CA PHE C 49 4.68 -6.97 -12.96
C PHE C 49 3.24 -6.71 -13.42
N VAL C 50 3.05 -5.78 -14.36
CA VAL C 50 1.70 -5.44 -14.85
C VAL C 50 1.61 -5.60 -16.38
N ALA C 51 2.51 -4.95 -17.10
CA ALA C 51 2.57 -5.09 -18.57
C ALA C 51 3.96 -4.71 -19.09
N LYS C 52 4.32 -5.23 -20.25
CA LYS C 52 5.57 -4.89 -20.91
C LYS C 52 5.34 -4.89 -22.41
N ILE C 53 6.16 -4.12 -23.10
CA ILE C 53 6.08 -3.97 -24.55
C ILE C 53 7.51 -3.87 -25.17
N SER C 54 7.70 -4.51 -26.34
CA SER C 54 8.97 -4.46 -27.05
C SER C 54 9.22 -3.08 -27.63
N GLY C 55 10.49 -2.81 -27.90
CA GLY C 55 10.93 -1.60 -28.56
C GLY C 55 10.09 -1.12 -29.75
N ASP C 56 9.77 -2.03 -30.66
CA ASP C 56 8.93 -1.71 -31.84
C ASP C 56 7.44 -1.78 -31.54
N GLY C 57 7.06 -2.15 -30.33
CA GLY C 57 5.62 -2.13 -29.97
C GLY C 57 4.85 -3.35 -30.43
N ARG C 58 5.55 -4.31 -31.01
CA ARG C 58 4.92 -5.49 -31.59
C ARG C 58 4.55 -6.53 -30.54
N LEU C 59 5.39 -6.65 -29.51
CA LEU C 59 5.15 -7.65 -28.46
C LEU C 59 4.77 -7.04 -27.11
N THR C 60 3.67 -7.53 -26.57
CA THR C 60 3.19 -7.11 -25.28
C THR C 60 2.90 -8.37 -24.48
N THR C 61 3.11 -8.30 -23.17
CA THR C 61 2.56 -9.27 -22.27
C THR C 61 2.02 -8.64 -20.97
N TYR C 62 1.11 -9.31 -20.31
CA TYR C 62 0.28 -8.73 -19.25
C TYR C 62 0.21 -9.63 -18.04
N GLY C 63 0.34 -9.06 -16.84
CA GLY C 63 0.11 -9.80 -15.60
C GLY C 63 -1.29 -10.37 -15.61
N ASP C 64 -1.50 -11.47 -14.88
CA ASP C 64 -2.82 -12.13 -14.87
C ASP C 64 -3.97 -11.33 -14.31
N SER C 65 -3.70 -10.49 -13.31
CA SER C 65 -4.79 -9.74 -12.67
C SER C 65 -5.32 -8.60 -13.56
N VAL C 66 -4.60 -8.29 -14.65
CA VAL C 66 -4.97 -7.13 -15.50
C VAL C 66 -5.25 -7.39 -16.96
N LYS C 67 -4.66 -8.46 -17.50
CA LYS C 67 -5.09 -9.06 -18.77
C LYS C 67 -6.58 -8.80 -19.06
N GLY C 68 -6.82 -8.19 -20.21
CA GLY C 68 -8.16 -7.93 -20.72
C GLY C 68 -8.74 -6.60 -20.26
N ARG C 69 -8.02 -5.90 -19.40
CA ARG C 69 -8.52 -4.66 -18.77
C ARG C 69 -7.56 -3.50 -19.04
N PHE C 70 -6.26 -3.80 -19.02
CA PHE C 70 -5.22 -2.82 -19.26
C PHE C 70 -4.63 -3.02 -20.68
N THR C 71 -4.21 -1.93 -21.31
CA THR C 71 -3.60 -1.94 -22.63
C THR C 71 -2.28 -1.12 -22.52
N ILE C 72 -1.16 -1.78 -22.70
CA ILE C 72 0.10 -1.08 -22.83
C ILE C 72 0.37 -0.75 -24.29
N SER C 73 0.83 0.49 -24.55
CA SER C 73 1.28 0.91 -25.89
C SER C 73 2.35 1.99 -25.82
N ARG C 74 2.86 2.37 -26.98
CA ARG C 74 4.01 3.27 -27.02
C ARG C 74 3.95 4.14 -28.28
N ASP C 75 4.51 5.33 -28.16
CA ASP C 75 4.63 6.23 -29.28
C ASP C 75 6.07 6.60 -29.27
N ASN C 76 6.81 6.01 -30.22
CA ASN C 76 8.24 6.21 -30.29
C ASN C 76 8.71 7.58 -30.81
N ALA C 77 7.81 8.31 -31.47
CA ALA C 77 8.10 9.66 -31.94
C ALA C 77 8.10 10.68 -30.78
N GLU C 78 7.22 10.49 -29.81
CA GLU C 78 7.22 11.30 -28.57
C GLU C 78 8.01 10.68 -27.41
N TYR C 79 8.45 9.44 -27.55
CA TYR C 79 9.15 8.81 -26.45
C TYR C 79 8.20 8.70 -25.24
N LEU C 80 6.97 8.23 -25.49
CA LEU C 80 6.01 7.94 -24.44
C LEU C 80 5.55 6.48 -24.41
N VAL C 81 5.12 6.03 -23.24
CA VAL C 81 4.59 4.70 -23.07
C VAL C 81 3.26 4.93 -22.31
N TYR C 82 2.19 4.32 -22.77
CA TYR C 82 0.91 4.53 -22.11
C TYR C 82 0.49 3.27 -21.46
N LEU C 83 -0.34 3.43 -20.42
CA LEU C 83 -1.08 2.34 -19.87
C LEU C 83 -2.54 2.72 -19.74
N GLN C 84 -3.36 2.18 -20.63
CA GLN C 84 -4.80 2.37 -20.54
C GLN C 84 -5.36 1.30 -19.60
N MET C 85 -5.89 1.76 -18.48
CA MET C 85 -6.49 0.93 -17.45
C MET C 85 -8.01 1.12 -17.51
N ASP C 86 -8.75 0.10 -17.94
CA ASP C 86 -10.21 0.18 -17.94
C ASP C 86 -10.79 -0.68 -16.79
N SER C 87 -12.10 -0.58 -16.58
CA SER C 87 -12.79 -1.45 -15.64
C SER C 87 -12.07 -1.54 -14.31
N LEU C 88 -11.78 -0.37 -13.74
CA LEU C 88 -10.79 -0.26 -12.66
C LEU C 88 -11.43 -0.87 -11.38
N LYS C 89 -10.62 -1.54 -10.54
CA LYS C 89 -11.08 -2.07 -9.23
C LYS C 89 -10.34 -1.48 -8.06
N PRO C 90 -11.00 -1.43 -6.88
CA PRO C 90 -10.33 -1.12 -5.63
C PRO C 90 -8.98 -1.85 -5.55
N GLU C 91 -8.94 -3.14 -5.83
CA GLU C 91 -7.65 -3.81 -5.75
C GLU C 91 -6.59 -3.36 -6.77
N ASP C 92 -6.89 -2.37 -7.62
CA ASP C 92 -5.91 -1.88 -8.57
C ASP C 92 -5.12 -0.70 -7.95
N THR C 93 -5.51 -0.32 -6.73
CA THR C 93 -4.88 0.79 -5.99
C THR C 93 -3.41 0.47 -5.70
N ALA C 94 -2.50 1.35 -6.11
CA ALA C 94 -1.09 1.09 -5.93
C ALA C 94 -0.29 2.26 -6.45
N VAL C 95 0.98 2.32 -6.11
CA VAL C 95 1.90 3.15 -6.82
C VAL C 95 2.27 2.39 -8.09
N TYR C 96 2.18 3.06 -9.23
CA TYR C 96 2.61 2.47 -10.50
C TYR C 96 3.91 3.03 -10.89
N TYR C 97 4.76 2.16 -11.44
CA TYR C 97 6.11 2.48 -11.81
C TYR C 97 6.30 2.06 -13.28
N CYS C 98 7.11 2.84 -13.97
CA CYS C 98 7.48 2.62 -15.34
C CYS C 98 8.96 2.21 -15.26
N ALA C 99 9.38 1.34 -16.16
CA ALA C 99 10.73 0.81 -16.15
C ALA C 99 11.20 0.60 -17.57
N ALA C 100 12.51 0.50 -17.74
CA ALA C 100 12.97 0.27 -19.04
C ALA C 100 14.05 -0.79 -18.95
N ASP C 101 14.04 -1.70 -19.92
CA ASP C 101 15.00 -2.79 -20.01
C ASP C 101 15.52 -2.85 -21.44
N ASP C 102 16.81 -3.17 -21.57
CA ASP C 102 17.52 -3.33 -22.85
C ASP C 102 17.07 -4.53 -23.63
N ASN C 103 16.27 -5.40 -23.02
CA ASN C 103 15.67 -6.51 -23.76
C ASN C 103 14.33 -6.88 -23.19
N TYR C 104 13.52 -7.55 -24.00
CA TYR C 104 12.08 -7.71 -23.72
C TYR C 104 11.87 -8.89 -22.76
N VAL C 105 12.77 -9.86 -22.83
CA VAL C 105 12.67 -11.02 -21.95
C VAL C 105 12.79 -10.70 -20.45
N THR C 106 13.78 -9.91 -20.08
CA THR C 106 13.99 -9.58 -18.67
C THR C 106 13.12 -8.42 -18.20
N ALA C 107 12.53 -7.66 -19.12
CA ALA C 107 11.58 -6.57 -18.76
C ALA C 107 10.46 -6.86 -17.74
N SER C 108 10.08 -8.12 -17.59
CA SER C 108 8.95 -8.47 -16.70
C SER C 108 9.43 -9.00 -15.34
N TRP C 109 10.74 -9.08 -15.23
CA TRP C 109 11.42 -9.68 -14.10
C TRP C 109 11.91 -8.54 -13.24
N ARG C 110 11.54 -8.54 -11.96
CA ARG C 110 11.87 -7.47 -11.01
C ARG C 110 13.30 -6.89 -11.14
N SER C 111 14.29 -7.76 -11.26
CA SER C 111 15.68 -7.30 -11.36
C SER C 111 16.05 -7.04 -12.80
N GLY C 112 15.07 -7.10 -13.72
CA GLY C 112 15.34 -6.93 -15.16
C GLY C 112 15.69 -5.48 -15.54
N PRO C 113 14.78 -4.57 -15.31
CA PRO C 113 14.96 -3.21 -15.78
C PRO C 113 16.19 -2.51 -15.26
N ASP C 114 16.76 -1.66 -16.08
CA ASP C 114 17.91 -0.89 -15.70
C ASP C 114 17.57 0.48 -15.17
N TYR C 115 16.36 0.94 -15.47
CA TYR C 115 15.85 2.27 -15.06
C TYR C 115 14.40 2.16 -14.60
N TRP C 116 14.08 2.86 -13.50
CA TRP C 116 12.75 2.98 -12.92
C TRP C 116 12.36 4.43 -12.73
N GLY C 117 11.06 4.71 -12.87
CA GLY C 117 10.54 6.01 -12.44
C GLY C 117 10.44 6.04 -10.93
N GLN C 118 9.88 7.13 -10.38
CA GLN C 118 9.61 7.24 -8.94
C GLN C 118 8.23 6.73 -8.61
N GLY C 119 7.39 6.66 -9.60
CA GLY C 119 6.10 6.05 -9.45
C GLY C 119 4.99 7.09 -9.27
N THR C 120 3.84 6.79 -9.81
CA THR C 120 2.68 7.64 -9.61
C THR C 120 1.61 6.83 -8.88
N GLN C 121 0.94 7.44 -7.92
CA GLN C 121 -0.13 6.87 -7.11
C GLN C 121 -1.45 6.78 -7.84
N VAL C 122 -2.08 5.61 -7.82
CA VAL C 122 -3.47 5.48 -8.31
C VAL C 122 -4.35 5.00 -7.18
N THR C 123 -5.48 5.66 -6.93
CA THR C 123 -6.38 5.24 -5.87
C THR C 123 -7.77 5.02 -6.46
N VAL C 124 -8.26 3.78 -6.42
CA VAL C 124 -9.59 3.52 -6.95
C VAL C 124 -10.55 3.35 -5.77
N SER C 125 -11.63 4.12 -5.72
CA SER C 125 -12.58 4.02 -4.64
C SER C 125 -13.81 3.28 -5.13
N SER C 126 -14.77 3.04 -4.26
CA SER C 126 -16.10 2.63 -4.77
C SER C 126 -16.85 3.86 -5.32
N GLN D 3 7.09 -36.12 -20.40
CA GLN D 3 8.03 -35.20 -21.09
C GLN D 3 7.61 -33.72 -20.94
N VAL D 4 8.23 -33.06 -19.98
CA VAL D 4 8.45 -31.63 -20.01
C VAL D 4 9.93 -31.49 -19.68
N GLN D 5 10.55 -30.43 -20.18
CA GLN D 5 11.99 -30.36 -20.25
C GLN D 5 12.51 -29.01 -19.75
N LEU D 6 13.37 -29.09 -18.76
CA LEU D 6 14.02 -27.95 -18.14
C LEU D 6 15.38 -27.65 -18.78
N VAL D 7 15.66 -26.36 -19.02
CA VAL D 7 16.86 -25.95 -19.73
C VAL D 7 17.54 -24.77 -19.04
N GLU D 8 18.76 -24.99 -18.54
CA GLU D 8 19.62 -23.96 -17.93
C GLU D 8 20.42 -23.23 -19.02
N SER D 9 20.42 -21.90 -18.96
CA SER D 9 21.34 -21.08 -19.74
C SER D 9 22.12 -20.23 -18.76
N GLY D 10 23.26 -19.70 -19.18
CA GLY D 10 23.92 -18.65 -18.40
C GLY D 10 25.36 -18.94 -18.02
N GLY D 11 25.76 -20.20 -18.17
CA GLY D 11 27.09 -20.67 -17.72
C GLY D 11 28.27 -20.10 -18.47
N GLY D 12 29.49 -20.46 -18.02
CA GLY D 12 30.70 -19.94 -18.66
C GLY D 12 31.92 -19.81 -17.77
N LEU D 13 32.94 -19.14 -18.29
CA LEU D 13 34.21 -19.01 -17.60
C LEU D 13 34.23 -17.62 -16.99
N VAL D 14 34.42 -17.53 -15.68
CA VAL D 14 34.21 -16.26 -15.00
C VAL D 14 35.22 -16.11 -13.89
N GLN D 15 35.70 -14.88 -13.74
CA GLN D 15 36.83 -14.61 -12.87
C GLN D 15 36.44 -14.37 -11.43
N ALA D 16 37.46 -14.35 -10.56
CA ALA D 16 37.31 -14.55 -9.14
C ALA D 16 36.40 -13.57 -8.39
N GLY D 17 36.22 -12.36 -8.91
CA GLY D 17 35.34 -11.40 -8.25
C GLY D 17 33.97 -11.30 -8.89
N GLY D 18 33.87 -11.83 -10.09
CA GLY D 18 32.78 -11.48 -10.98
C GLY D 18 31.47 -12.08 -10.55
N SER D 19 30.48 -11.86 -11.40
CA SER D 19 29.12 -12.30 -11.16
C SER D 19 28.67 -13.08 -12.38
N LEU D 20 27.57 -13.81 -12.23
CA LEU D 20 27.01 -14.53 -13.34
C LEU D 20 25.51 -14.66 -13.12
N ARG D 21 24.75 -14.77 -14.20
CA ARG D 21 23.30 -14.93 -14.09
C ARG D 21 22.83 -16.17 -14.82
N LEU D 22 22.18 -17.08 -14.11
CA LEU D 22 21.70 -18.33 -14.71
C LEU D 22 20.19 -18.20 -14.84
N SER D 23 19.61 -18.83 -15.85
CA SER D 23 18.18 -18.92 -15.95
C SER D 23 17.75 -20.29 -16.41
N CYS D 24 16.51 -20.62 -16.05
CA CYS D 24 15.95 -21.93 -16.28
C CYS D 24 14.58 -21.77 -16.96
N ALA D 25 14.47 -22.37 -18.14
CA ALA D 25 13.27 -22.34 -18.97
C ALA D 25 12.65 -23.74 -19.07
N ALA D 26 11.39 -23.76 -19.45
CA ALA D 26 10.65 -25.01 -19.56
C ALA D 26 10.19 -25.15 -21.02
N SER D 27 10.05 -26.38 -21.51
CA SER D 27 9.51 -26.59 -22.85
C SER D 27 7.99 -26.38 -22.90
N ARG D 28 7.34 -26.44 -21.74
CA ARG D 28 5.87 -26.34 -21.72
C ARG D 28 5.43 -25.68 -20.44
N ARG D 29 4.30 -25.00 -20.51
CA ARG D 29 3.68 -24.43 -19.34
C ARG D 29 2.83 -25.45 -18.58
N SER D 30 2.86 -25.37 -17.25
CA SER D 30 2.02 -26.21 -16.39
C SER D 30 0.82 -25.44 -15.83
N SER D 31 -0.30 -26.14 -15.61
CA SER D 31 -1.47 -25.53 -15.01
C SER D 31 -1.42 -25.56 -13.47
N ARG D 32 -0.29 -25.98 -12.91
CA ARG D 32 -0.15 -26.06 -11.46
C ARG D 32 0.99 -25.18 -11.02
N SER D 33 1.11 -24.99 -9.72
CA SER D 33 2.17 -24.16 -9.17
C SER D 33 3.34 -25.04 -8.74
N TRP D 34 4.52 -24.79 -9.29
CA TRP D 34 5.70 -25.60 -8.97
C TRP D 34 6.70 -24.78 -8.19
N ALA D 35 7.25 -25.39 -7.14
CA ALA D 35 8.45 -24.86 -6.52
C ALA D 35 9.61 -25.26 -7.41
N MET D 36 10.65 -24.44 -7.44
CA MET D 36 11.75 -24.58 -8.37
C MET D 36 13.02 -24.40 -7.58
N ALA D 37 14.12 -24.97 -8.08
CA ALA D 37 15.33 -25.08 -7.29
C ALA D 37 16.57 -25.11 -8.17
N TRP D 38 17.70 -24.74 -7.58
CA TRP D 38 18.99 -24.97 -8.20
C TRP D 38 19.81 -25.88 -7.31
N PHE D 39 20.49 -26.82 -7.94
CA PHE D 39 21.47 -27.64 -7.26
C PHE D 39 22.78 -27.49 -8.06
N ARG D 40 23.85 -28.08 -7.55
CA ARG D 40 25.14 -28.02 -8.21
C ARG D 40 25.97 -29.21 -7.80
N GLN D 41 26.85 -29.66 -8.69
CA GLN D 41 27.65 -30.86 -8.49
C GLN D 41 29.07 -30.48 -8.91
N ALA D 42 29.97 -30.37 -7.94
CA ALA D 42 31.35 -29.99 -8.21
C ALA D 42 32.09 -31.25 -8.62
N PRO D 43 33.22 -31.09 -9.33
CA PRO D 43 34.05 -32.24 -9.71
C PRO D 43 34.52 -33.03 -8.49
N GLY D 44 34.04 -34.27 -8.37
CA GLY D 44 34.43 -35.16 -7.26
C GLY D 44 33.58 -35.06 -6.00
N LYS D 45 32.31 -34.68 -6.18
CA LYS D 45 31.39 -34.56 -5.05
C LYS D 45 29.96 -34.88 -5.47
N GLU D 46 29.08 -35.07 -4.48
CA GLU D 46 27.67 -35.36 -4.76
C GLU D 46 26.93 -34.13 -5.29
N ARG D 47 25.72 -34.36 -5.81
CA ARG D 47 24.86 -33.26 -6.20
C ARG D 47 24.32 -32.56 -4.96
N GLU D 48 24.30 -31.23 -4.99
CA GLU D 48 24.22 -30.43 -3.78
C GLU D 48 23.21 -29.26 -3.84
N PHE D 49 22.41 -29.13 -2.80
CA PHE D 49 21.43 -28.04 -2.74
C PHE D 49 22.01 -26.62 -2.79
N VAL D 50 21.38 -25.75 -3.57
CA VAL D 50 21.81 -24.35 -3.68
C VAL D 50 20.75 -23.34 -3.20
N ALA D 51 19.62 -23.26 -3.88
CA ALA D 51 18.54 -22.33 -3.51
C ALA D 51 17.22 -22.89 -4.02
N LYS D 52 16.12 -22.47 -3.41
CA LYS D 52 14.78 -22.90 -3.82
C LYS D 52 13.75 -21.79 -3.57
N ILE D 53 12.63 -21.85 -4.28
CA ILE D 53 11.63 -20.78 -4.28
C ILE D 53 10.21 -21.35 -4.49
N SER D 54 9.25 -20.88 -3.71
CA SER D 54 7.86 -21.32 -3.86
C SER D 54 7.23 -20.88 -5.19
N GLY D 55 6.17 -21.58 -5.58
CA GLY D 55 5.26 -21.15 -6.65
C GLY D 55 5.05 -19.65 -6.87
N ASP D 56 4.80 -18.93 -5.80
CA ASP D 56 4.34 -17.56 -5.93
C ASP D 56 5.49 -16.61 -5.62
N GLY D 57 6.66 -17.17 -5.33
CA GLY D 57 7.87 -16.39 -5.14
C GLY D 57 8.10 -15.87 -3.73
N ARG D 58 7.17 -16.14 -2.83
CA ARG D 58 7.20 -15.51 -1.50
C ARG D 58 8.14 -16.19 -0.49
N LEU D 59 8.57 -17.42 -0.81
CA LEU D 59 9.50 -18.15 0.02
C LEU D 59 10.79 -18.49 -0.71
N THR D 60 11.91 -18.29 -0.01
CA THR D 60 13.21 -18.64 -0.52
C THR D 60 14.02 -19.19 0.61
N THR D 61 14.68 -20.30 0.38
CA THR D 61 15.75 -20.69 1.28
C THR D 61 17.00 -21.07 0.50
N TYR D 62 18.13 -20.98 1.16
CA TYR D 62 19.41 -21.13 0.50
C TYR D 62 20.27 -22.12 1.29
N GLY D 63 21.24 -22.75 0.64
CA GLY D 63 22.29 -23.55 1.30
C GLY D 63 23.35 -22.64 1.93
N ASP D 64 24.10 -23.16 2.88
CA ASP D 64 24.96 -22.34 3.76
C ASP D 64 26.14 -21.69 3.04
N SER D 65 26.70 -22.43 2.08
CA SER D 65 27.91 -22.03 1.39
C SER D 65 27.66 -20.95 0.31
N VAL D 66 26.41 -20.57 0.11
CA VAL D 66 26.09 -19.53 -0.88
C VAL D 66 25.22 -18.43 -0.28
N LYS D 67 24.98 -18.56 1.03
CA LYS D 67 24.15 -17.61 1.75
C LYS D 67 24.80 -16.22 1.71
N GLY D 68 24.01 -15.22 1.32
CA GLY D 68 24.48 -13.85 1.24
C GLY D 68 25.01 -13.44 -0.13
N ARG D 69 25.16 -14.41 -1.02
CA ARG D 69 25.87 -14.20 -2.29
C ARG D 69 25.02 -14.50 -3.53
N PHE D 70 24.27 -15.61 -3.50
CA PHE D 70 23.38 -15.99 -4.58
C PHE D 70 21.96 -15.54 -4.29
N THR D 71 21.23 -15.17 -5.34
CA THR D 71 19.82 -14.81 -5.21
C THR D 71 18.93 -15.62 -6.17
N ILE D 72 17.95 -16.33 -5.62
CA ILE D 72 16.99 -17.05 -6.45
C ILE D 72 15.70 -16.25 -6.60
N SER D 73 15.19 -16.18 -7.83
CA SER D 73 13.95 -15.49 -8.08
C SER D 73 13.23 -16.06 -9.32
N ARG D 74 12.00 -15.56 -9.54
CA ARG D 74 11.26 -16.03 -10.70
C ARG D 74 10.31 -15.01 -11.33
N ASP D 75 10.01 -15.26 -12.60
CA ASP D 75 9.15 -14.41 -13.38
C ASP D 75 8.14 -15.38 -13.99
N ASN D 76 6.99 -15.48 -13.36
CA ASN D 76 6.01 -16.43 -13.86
C ASN D 76 5.40 -16.02 -15.19
N ALA D 77 5.42 -14.73 -15.53
CA ALA D 77 4.92 -14.31 -16.83
C ALA D 77 5.81 -14.81 -17.97
N GLU D 78 7.11 -14.70 -17.78
CA GLU D 78 8.07 -15.17 -18.77
C GLU D 78 8.38 -16.66 -18.56
N TYR D 79 7.92 -17.20 -17.44
CA TYR D 79 8.18 -18.61 -17.07
C TYR D 79 9.68 -18.89 -17.00
N LEU D 80 10.42 -18.00 -16.35
CA LEU D 80 11.84 -18.25 -16.07
C LEU D 80 12.10 -18.24 -14.57
N VAL D 81 12.98 -19.14 -14.15
CA VAL D 81 13.60 -19.07 -12.83
C VAL D 81 15.03 -18.61 -13.01
N TYR D 82 15.48 -17.75 -12.12
CA TYR D 82 16.77 -17.14 -12.21
C TYR D 82 17.65 -17.51 -11.03
N LEU D 83 18.96 -17.56 -11.26
CA LEU D 83 19.90 -17.60 -10.16
C LEU D 83 20.98 -16.54 -10.37
N GLN D 84 20.95 -15.53 -9.53
CA GLN D 84 21.94 -14.47 -9.52
C GLN D 84 23.11 -14.85 -8.63
N MET D 85 24.32 -14.79 -9.17
CA MET D 85 25.51 -15.25 -8.46
C MET D 85 26.60 -14.18 -8.47
N ASP D 86 26.86 -13.59 -7.30
CA ASP D 86 27.93 -12.61 -7.16
C ASP D 86 29.04 -13.15 -6.24
N SER D 87 30.15 -12.42 -6.21
CA SER D 87 31.27 -12.75 -5.33
C SER D 87 31.71 -14.22 -5.48
N LEU D 88 31.85 -14.67 -6.73
CA LEU D 88 32.10 -16.08 -7.03
C LEU D 88 33.52 -16.45 -6.64
N LYS D 89 33.76 -17.72 -6.34
CA LYS D 89 35.12 -18.17 -6.02
C LYS D 89 35.39 -19.53 -6.65
N PRO D 90 36.68 -19.93 -6.74
CA PRO D 90 37.01 -21.21 -7.40
C PRO D 90 36.13 -22.37 -6.92
N GLU D 91 35.73 -22.35 -5.66
CA GLU D 91 34.97 -23.46 -5.11
C GLU D 91 33.50 -23.45 -5.52
N ASP D 92 33.08 -22.45 -6.27
CA ASP D 92 31.72 -22.43 -6.79
C ASP D 92 31.65 -23.16 -8.13
N THR D 93 32.77 -23.71 -8.55
CA THR D 93 32.90 -24.35 -9.84
C THR D 93 32.11 -25.64 -9.85
N ALA D 94 31.25 -25.80 -10.85
CA ALA D 94 30.28 -26.90 -10.83
C ALA D 94 29.31 -26.88 -12.03
N VAL D 95 28.66 -28.03 -12.24
CA VAL D 95 27.52 -28.03 -13.13
C VAL D 95 26.30 -27.64 -12.31
N TYR D 96 25.63 -26.57 -12.72
CA TYR D 96 24.41 -26.10 -12.03
C TYR D 96 23.14 -26.64 -12.69
N TYR D 97 22.28 -27.26 -11.89
CA TYR D 97 21.12 -27.97 -12.39
C TYR D 97 19.86 -27.28 -11.89
N CYS D 98 18.85 -27.18 -12.74
CA CYS D 98 17.58 -26.56 -12.39
C CYS D 98 16.64 -27.71 -12.04
N ALA D 99 15.66 -27.51 -11.16
CA ALA D 99 14.75 -28.62 -10.83
C ALA D 99 13.42 -28.10 -10.36
N ALA D 100 12.49 -29.01 -10.16
CA ALA D 100 11.10 -28.65 -9.99
C ALA D 100 10.37 -29.70 -9.16
N ASP D 101 9.75 -29.25 -8.08
CA ASP D 101 9.07 -30.12 -7.12
C ASP D 101 7.71 -29.52 -6.83
N ASP D 102 6.65 -30.33 -6.85
CA ASP D 102 5.31 -29.90 -6.42
C ASP D 102 5.25 -29.57 -4.94
N ASN D 103 6.33 -29.91 -4.22
CA ASN D 103 6.42 -29.64 -2.78
C ASN D 103 7.65 -28.79 -2.40
N TYR D 104 7.38 -27.56 -1.96
CA TYR D 104 8.43 -26.66 -1.46
C TYR D 104 9.35 -27.29 -0.39
N VAL D 105 8.76 -28.02 0.55
CA VAL D 105 9.55 -28.70 1.58
C VAL D 105 10.60 -29.65 0.96
N THR D 106 10.18 -30.52 0.03
CA THR D 106 11.11 -31.50 -0.56
C THR D 106 12.05 -30.99 -1.66
N ALA D 107 11.83 -29.75 -2.10
CA ALA D 107 12.58 -29.20 -3.22
C ALA D 107 14.11 -29.11 -2.99
N SER D 108 14.50 -29.00 -1.72
CA SER D 108 15.90 -28.82 -1.35
C SER D 108 16.51 -30.15 -0.94
N TRP D 109 15.70 -31.19 -1.05
CA TRP D 109 16.12 -32.56 -0.82
C TRP D 109 16.44 -33.26 -2.14
N ARG D 110 17.67 -33.79 -2.24
CA ARG D 110 18.14 -34.51 -3.41
C ARG D 110 17.04 -35.36 -4.03
N SER D 111 16.22 -35.96 -3.19
CA SER D 111 15.25 -36.92 -3.67
C SER D 111 13.91 -36.30 -3.94
N GLY D 112 13.82 -34.99 -3.74
CA GLY D 112 12.54 -34.29 -3.78
C GLY D 112 12.02 -34.01 -5.17
N PRO D 113 12.77 -33.37 -6.03
CA PRO D 113 12.21 -32.87 -7.30
C PRO D 113 11.84 -33.89 -8.35
N ASP D 114 10.76 -33.62 -9.08
CA ASP D 114 10.23 -34.46 -10.14
C ASP D 114 10.89 -34.31 -11.50
N TYR D 115 11.44 -33.14 -11.76
CA TYR D 115 12.10 -32.80 -13.02
C TYR D 115 13.45 -32.18 -12.80
N TRP D 116 14.38 -32.49 -13.70
CA TRP D 116 15.76 -31.96 -13.68
C TRP D 116 16.22 -31.58 -15.09
N GLY D 117 16.91 -30.43 -15.23
CA GLY D 117 17.61 -30.09 -16.46
C GLY D 117 18.91 -30.86 -16.61
N GLN D 118 19.54 -30.78 -17.78
CA GLN D 118 20.82 -31.48 -18.03
C GLN D 118 22.03 -30.74 -17.42
N GLY D 119 21.84 -29.46 -17.07
CA GLY D 119 22.85 -28.72 -16.31
C GLY D 119 23.62 -27.70 -17.15
N THR D 120 24.25 -26.74 -16.49
CA THR D 120 25.08 -25.79 -17.19
C THR D 120 26.43 -25.60 -16.49
N GLN D 121 27.51 -25.63 -17.25
CA GLN D 121 28.85 -25.54 -16.66
C GLN D 121 29.22 -24.12 -16.21
N VAL D 122 29.52 -23.95 -14.92
CA VAL D 122 30.09 -22.71 -14.39
C VAL D 122 31.52 -22.95 -13.93
N THR D 123 32.48 -22.19 -14.46
CA THR D 123 33.90 -22.35 -14.10
C THR D 123 34.55 -21.05 -13.63
N VAL D 124 34.88 -21.00 -12.34
CA VAL D 124 35.44 -19.78 -11.73
C VAL D 124 36.95 -19.96 -11.52
N SER D 125 37.76 -19.17 -12.22
CA SER D 125 39.21 -19.33 -12.14
C SER D 125 39.91 -18.24 -11.32
N SER D 126 41.18 -18.47 -11.00
CA SER D 126 41.99 -17.45 -10.34
C SER D 126 43.46 -17.59 -10.73
N VAL E 4 8.80 -1.66 40.09
CA VAL E 4 8.09 -2.50 39.06
C VAL E 4 8.76 -2.46 37.69
N GLN E 5 9.15 -3.64 37.19
CA GLN E 5 9.83 -3.76 35.90
C GLN E 5 9.35 -4.99 35.18
N LEU E 6 9.26 -4.89 33.85
CA LEU E 6 9.11 -6.05 32.99
C LEU E 6 10.46 -6.42 32.37
N VAL E 7 10.76 -7.70 32.40
CA VAL E 7 12.06 -8.17 31.96
C VAL E 7 11.84 -9.26 30.95
N GLU E 8 11.97 -8.88 29.68
CA GLU E 8 11.91 -9.83 28.59
C GLU E 8 13.14 -10.75 28.60
N SER E 9 12.96 -11.96 28.09
CA SER E 9 14.05 -12.96 28.02
C SER E 9 13.95 -13.85 26.77
N GLY E 10 15.07 -14.48 26.42
CA GLY E 10 15.09 -15.47 25.36
C GLY E 10 15.05 -14.84 23.98
N GLN E 15 18.37 -16.10 14.55
CA GLN E 15 18.33 -16.54 13.16
C GLN E 15 17.57 -17.86 13.06
N ALA E 16 16.87 -18.09 11.95
CA ALA E 16 16.17 -19.35 11.72
C ALA E 16 15.63 -19.43 10.34
N GLY E 17 15.16 -20.61 10.01
CA GLY E 17 14.57 -21.57 10.95
C GLY E 17 13.15 -21.92 10.53
N GLY E 18 12.32 -22.43 11.43
CA GLY E 18 12.64 -22.59 12.85
C GLY E 18 11.63 -21.93 13.77
N SER E 19 11.92 -21.91 15.07
CA SER E 19 11.04 -21.28 16.08
C SER E 19 11.81 -20.81 17.31
N LEU E 20 11.14 -20.06 18.21
CA LEU E 20 11.77 -19.50 19.43
C LEU E 20 10.76 -19.20 20.54
N ARG E 21 11.22 -19.16 21.79
CA ARG E 21 10.34 -18.94 22.94
C ARG E 21 10.74 -17.69 23.71
N LEU E 22 9.74 -16.99 24.24
CA LEU E 22 9.99 -15.75 24.98
C LEU E 22 9.43 -15.75 26.39
N SER E 23 10.16 -15.12 27.30
CA SER E 23 9.67 -15.07 28.66
C SER E 23 9.76 -13.68 29.23
N CYS E 24 8.72 -13.35 29.97
CA CYS E 24 8.63 -12.05 30.59
C CYS E 24 8.34 -12.29 32.08
N ALA E 25 9.28 -11.84 32.91
CA ALA E 25 9.17 -11.95 34.35
C ALA E 25 8.94 -10.60 34.99
N ALA E 26 8.43 -10.62 36.23
CA ALA E 26 8.23 -9.39 36.98
C ALA E 26 9.18 -9.31 38.17
N SER E 27 9.42 -8.09 38.65
CA SER E 27 10.27 -7.90 39.83
C SER E 27 9.42 -7.89 41.09
N ARG E 28 8.09 -7.90 40.93
CA ARG E 28 7.16 -7.94 42.05
C ARG E 28 5.86 -8.63 41.68
N ARG E 29 5.21 -9.21 42.68
CA ARG E 29 3.91 -9.83 42.48
C ARG E 29 2.82 -8.84 42.90
N SER E 30 1.79 -8.70 42.06
CA SER E 30 0.62 -7.92 42.40
C SER E 30 -0.43 -8.82 43.03
N SER E 31 -1.26 -8.25 43.90
CA SER E 31 -2.47 -8.92 44.38
C SER E 31 -3.54 -8.96 43.28
N ARG E 32 -3.40 -8.07 42.30
CA ARG E 32 -4.37 -7.93 41.23
C ARG E 32 -4.01 -8.75 39.98
N SER E 33 -5.04 -9.08 39.22
CA SER E 33 -4.91 -9.91 38.04
C SER E 33 -4.76 -9.02 36.79
N TRP E 34 -3.66 -9.23 36.06
CA TRP E 34 -3.25 -8.41 34.93
C TRP E 34 -3.29 -9.22 33.64
N ALA E 35 -3.75 -8.60 32.57
CA ALA E 35 -3.55 -9.17 31.25
C ALA E 35 -2.15 -8.83 30.80
N MET E 36 -1.57 -9.68 29.94
CA MET E 36 -0.17 -9.55 29.53
C MET E 36 -0.03 -9.61 28.01
N ALA E 37 0.98 -8.94 27.48
CA ALA E 37 1.04 -8.78 26.05
C ALA E 37 2.43 -8.83 25.51
N TRP E 38 2.52 -9.26 24.25
CA TRP E 38 3.67 -9.01 23.41
C TRP E 38 3.37 -8.01 22.29
N PHE E 39 4.28 -7.04 22.14
CA PHE E 39 4.30 -6.13 21.02
C PHE E 39 5.70 -6.16 20.38
N ARG E 40 5.80 -5.71 19.13
CA ARG E 40 7.07 -5.83 18.38
C ARG E 40 7.28 -4.70 17.35
N ALA E 42 9.65 -3.07 15.32
CA ALA E 42 10.64 -3.57 14.40
C ALA E 42 11.89 -2.67 14.32
N LYS E 45 9.37 1.34 11.70
CA LYS E 45 7.96 1.02 11.91
C LYS E 45 7.59 1.15 13.39
N GLU E 46 6.31 1.39 13.69
CA GLU E 46 5.87 1.56 15.08
C GLU E 46 5.82 0.22 15.82
N ARG E 47 5.77 0.29 17.14
CA ARG E 47 5.49 -0.88 17.95
C ARG E 47 4.15 -1.48 17.49
N GLU E 48 4.17 -2.78 17.20
CA GLU E 48 3.05 -3.44 16.55
C GLU E 48 2.56 -4.57 17.46
N PHE E 49 1.25 -4.73 17.57
CA PHE E 49 0.65 -5.76 18.41
C PHE E 49 0.88 -7.20 17.92
N VAL E 50 1.21 -8.09 18.87
CA VAL E 50 1.51 -9.50 18.57
C VAL E 50 0.49 -10.42 19.20
N ALA E 51 0.44 -10.40 20.53
CA ALA E 51 -0.45 -11.28 21.24
C ALA E 51 -0.74 -10.79 22.64
N LYS E 52 -1.90 -11.18 23.16
CA LYS E 52 -2.26 -10.88 24.50
C LYS E 52 -2.99 -12.07 25.11
N ILE E 53 -3.05 -12.08 26.43
CA ILE E 53 -3.58 -13.18 27.22
C ILE E 53 -4.14 -12.60 28.51
N SER E 54 -5.32 -13.07 28.89
CA SER E 54 -6.04 -12.50 30.02
C SER E 54 -5.42 -12.96 31.32
N GLY E 55 -6.01 -12.52 32.44
CA GLY E 55 -5.46 -12.80 33.77
C GLY E 55 -5.43 -14.28 34.05
N ASP E 56 -6.56 -14.93 33.77
CA ASP E 56 -6.77 -16.34 34.15
C ASP E 56 -6.34 -17.27 33.03
N GLY E 57 -5.82 -16.69 31.96
CA GLY E 57 -5.34 -17.48 30.85
C GLY E 57 -6.40 -17.95 29.85
N ARG E 58 -7.69 -17.66 30.12
CA ARG E 58 -8.79 -18.17 29.28
C ARG E 58 -8.89 -17.52 27.90
N LEU E 59 -8.55 -16.23 27.83
CA LEU E 59 -8.65 -15.43 26.60
C LEU E 59 -7.27 -15.10 26.04
N THR E 60 -7.08 -15.42 24.76
CA THR E 60 -5.92 -14.94 24.03
C THR E 60 -6.40 -14.37 22.72
N THR E 61 -5.75 -13.33 22.23
CA THR E 61 -5.98 -12.91 20.87
C THR E 61 -4.66 -12.57 20.18
N TYR E 62 -4.66 -12.63 18.85
CA TYR E 62 -3.44 -12.55 18.09
C TYR E 62 -3.62 -11.59 16.91
N GLY E 63 -2.55 -10.88 16.55
CA GLY E 63 -2.54 -10.12 15.30
C GLY E 63 -2.67 -11.01 14.07
N ASP E 64 -3.11 -10.40 12.96
CA ASP E 64 -3.37 -11.16 11.72
C ASP E 64 -2.09 -11.77 11.15
N SER E 65 -1.00 -11.03 11.25
CA SER E 65 0.28 -11.42 10.67
C SER E 65 0.90 -12.65 11.33
N VAL E 66 0.52 -12.91 12.59
CA VAL E 66 1.14 -13.99 13.36
C VAL E 66 0.09 -14.90 13.99
N LYS E 67 -0.84 -15.39 13.19
CA LYS E 67 -2.12 -15.88 13.67
C LYS E 67 -2.20 -17.39 13.89
N GLY E 68 -1.78 -18.18 12.91
CA GLY E 68 -1.77 -19.64 13.08
C GLY E 68 -0.41 -20.18 13.46
N ARG E 69 0.46 -19.29 13.95
CA ARG E 69 1.89 -19.58 14.08
C ARG E 69 2.40 -19.34 15.50
N PHE E 70 1.85 -18.34 16.17
CA PHE E 70 2.32 -17.97 17.50
C PHE E 70 1.35 -18.48 18.56
N THR E 71 1.89 -18.93 19.70
CA THR E 71 1.08 -19.30 20.87
C THR E 71 1.56 -18.52 22.09
N ILE E 72 0.65 -17.79 22.69
CA ILE E 72 0.95 -17.12 23.94
C ILE E 72 0.28 -17.89 25.04
N SER E 73 1.01 -18.06 26.14
CA SER E 73 0.53 -18.70 27.35
C SER E 73 1.29 -18.15 28.56
N ARG E 74 0.81 -18.49 29.77
CA ARG E 74 1.31 -17.90 31.01
C ARG E 74 1.35 -18.90 32.18
N ASP E 75 2.20 -18.62 33.16
CA ASP E 75 2.34 -19.50 34.31
C ASP E 75 2.31 -18.62 35.54
N ASN E 76 1.16 -18.62 36.21
CA ASN E 76 0.90 -17.67 37.27
C ASN E 76 1.67 -17.94 38.53
N ALA E 77 1.87 -19.22 38.83
CA ALA E 77 2.63 -19.64 39.98
C ALA E 77 4.09 -19.22 39.87
N GLU E 78 4.65 -19.36 38.68
CA GLU E 78 6.06 -19.03 38.46
C GLU E 78 6.22 -17.55 38.16
N TYR E 79 5.11 -16.93 37.73
CA TYR E 79 5.06 -15.51 37.37
C TYR E 79 5.81 -15.19 36.06
N LEU E 80 5.55 -16.01 35.05
CA LEU E 80 6.12 -15.80 33.72
C LEU E 80 5.04 -15.80 32.63
N VAL E 81 5.33 -15.10 31.53
CA VAL E 81 4.58 -15.23 30.28
C VAL E 81 5.45 -15.76 29.14
N TYR E 82 4.86 -16.62 28.32
CA TYR E 82 5.61 -17.33 27.32
C TYR E 82 4.99 -17.01 25.97
N LEU E 83 5.85 -16.71 25.00
CA LEU E 83 5.38 -16.58 23.63
C LEU E 83 6.09 -17.62 22.80
N GLN E 84 5.35 -18.64 22.43
CA GLN E 84 5.83 -19.60 21.46
C GLN E 84 5.65 -18.98 20.09
N MET E 85 6.75 -18.78 19.38
CA MET E 85 6.67 -18.31 17.99
C MET E 85 7.29 -19.32 17.02
N ASP E 86 6.55 -19.63 15.95
CA ASP E 86 6.80 -20.81 15.11
C ASP E 86 6.85 -20.41 13.63
N LEU E 88 9.29 -19.22 12.13
CA LEU E 88 9.72 -17.83 12.03
C LEU E 88 10.18 -17.45 10.63
N LYS E 89 10.20 -16.15 10.33
CA LYS E 89 10.64 -15.65 9.01
C LYS E 89 11.16 -14.20 9.04
N PRO E 90 12.29 -13.92 8.35
CA PRO E 90 13.01 -12.65 8.38
C PRO E 90 12.21 -11.44 8.85
N GLU E 91 11.05 -11.20 8.24
CA GLU E 91 10.21 -10.03 8.57
C GLU E 91 9.62 -10.09 9.98
N ASP E 92 10.18 -10.94 10.82
CA ASP E 92 9.78 -10.97 12.22
C ASP E 92 10.92 -10.46 13.10
N THR E 93 11.93 -9.86 12.47
CA THR E 93 12.89 -9.01 13.16
C THR E 93 12.12 -8.02 14.03
N ALA E 94 12.50 -7.89 15.31
CA ALA E 94 11.94 -6.86 16.17
C ALA E 94 12.57 -6.78 17.54
N VAL E 95 12.50 -5.57 18.11
CA VAL E 95 12.59 -5.38 19.55
C VAL E 95 11.28 -5.89 20.16
N TYR E 96 11.31 -7.08 20.77
CA TYR E 96 10.08 -7.66 21.31
C TYR E 96 9.80 -7.24 22.75
N TYR E 97 8.68 -6.55 22.93
CA TYR E 97 8.32 -6.03 24.22
C TYR E 97 7.27 -6.93 24.86
N CYS E 98 7.36 -7.07 26.18
CA CYS E 98 6.27 -7.62 26.95
C CYS E 98 5.56 -6.43 27.62
N ALA E 99 4.28 -6.58 27.93
CA ALA E 99 3.52 -5.48 28.47
C ALA E 99 2.44 -5.99 29.38
N ALA E 100 1.82 -5.11 30.16
CA ALA E 100 0.73 -5.46 31.08
C ALA E 100 -0.36 -4.39 31.25
N ASP E 101 -1.58 -4.84 31.47
CA ASP E 101 -2.75 -3.96 31.40
C ASP E 101 -3.89 -4.60 32.21
N ASP E 102 -4.48 -3.83 33.11
CA ASP E 102 -5.59 -4.28 33.96
C ASP E 102 -6.89 -4.48 33.20
N ASN E 103 -6.89 -4.04 31.95
CA ASN E 103 -8.04 -4.11 31.07
C ASN E 103 -7.58 -4.86 29.83
N TYR E 104 -8.14 -6.04 29.65
CA TYR E 104 -7.71 -6.98 28.63
C TYR E 104 -8.03 -6.39 27.29
N VAL E 105 -9.18 -5.72 27.20
CA VAL E 105 -9.60 -5.05 25.97
C VAL E 105 -8.54 -4.11 25.39
N THR E 106 -7.82 -3.40 26.24
CA THR E 106 -6.91 -2.38 25.75
C THR E 106 -5.45 -2.81 25.69
N ALA E 107 -5.21 -4.04 26.12
CA ALA E 107 -3.86 -4.62 26.18
C ALA E 107 -3.23 -4.82 24.81
N SER E 108 -4.09 -4.92 23.79
CA SER E 108 -3.68 -5.03 22.41
C SER E 108 -3.56 -3.68 21.70
N TRP E 109 -3.65 -2.58 22.47
CA TRP E 109 -3.55 -1.22 21.93
C TRP E 109 -2.31 -0.48 22.41
N ARG E 110 -1.57 0.12 21.47
CA ARG E 110 -0.30 0.80 21.80
C ARG E 110 -0.33 1.60 23.11
N SER E 111 -1.40 2.31 23.38
CA SER E 111 -1.46 3.14 24.60
C SER E 111 -2.12 2.50 25.84
N GLY E 112 -2.47 1.21 25.79
CA GLY E 112 -3.21 0.57 26.90
C GLY E 112 -2.33 0.22 28.08
N PRO E 113 -1.30 -0.54 27.81
CA PRO E 113 -0.42 -1.02 28.83
C PRO E 113 0.05 0.08 29.74
N ASP E 114 -0.19 -0.09 31.04
CA ASP E 114 0.36 0.75 32.08
C ASP E 114 1.83 0.44 32.46
N TYR E 115 2.37 -0.67 31.94
CA TYR E 115 3.71 -1.28 32.12
C TYR E 115 4.35 -1.88 30.89
N TRP E 116 5.62 -1.53 30.70
CA TRP E 116 6.35 -1.96 29.53
C TRP E 116 7.72 -2.40 29.97
N GLY E 117 8.13 -3.56 29.48
CA GLY E 117 9.52 -3.96 29.56
C GLY E 117 10.29 -3.19 28.51
N GLN E 118 11.62 -3.13 28.67
CA GLN E 118 12.45 -2.33 27.78
C GLN E 118 12.94 -3.10 26.55
N GLY E 119 12.37 -4.28 26.33
CA GLY E 119 12.49 -4.96 25.05
C GLY E 119 13.65 -5.90 24.93
N THR E 120 13.38 -7.09 24.38
CA THR E 120 14.43 -8.02 24.02
C THR E 120 14.59 -8.04 22.50
N GLN E 121 15.82 -7.84 22.05
CA GLN E 121 16.14 -7.90 20.63
C GLN E 121 16.02 -9.33 20.06
N VAL E 122 15.23 -9.46 19.00
CA VAL E 122 15.20 -10.67 18.18
C VAL E 122 15.73 -10.34 16.79
N THR E 123 16.08 -11.37 16.02
CA THR E 123 16.43 -11.21 14.60
C THR E 123 16.52 -12.55 13.86
N VAL E 124 16.46 -12.49 12.53
CA VAL E 124 16.35 -13.68 11.68
C VAL E 124 17.16 -13.50 10.39
#